data_9V4Y
#
_entry.id   9V4Y
#
_cell.length_a   38.123
_cell.length_b   51.870
_cell.length_c   221.523
_cell.angle_alpha   90.00
_cell.angle_beta   90.00
_cell.angle_gamma   90.00
#
_symmetry.space_group_name_H-M   'C 2 2 21'
#
loop_
_entity.id
_entity.type
_entity.pdbx_description
1 polymer 'RNA (71-MER)'
2 non-polymer 8-AMINOGUANINE
3 non-polymer 'MAGNESIUM ION'
4 water water
#
_entity_poly.entity_id   1
_entity_poly.type   'polyribonucleotide'
_entity_poly.pdbx_seq_one_letter_code
;GGGUUGUAUAAGCUCGUUAAUUUGGAAUGAGCGUAUCUACAGGCAACCGUAAAUUGCCCCAGGCUACAAUC
;
_entity_poly.pdbx_strand_id   A
#
loop_
_chem_comp.id
_chem_comp.type
_chem_comp.name
_chem_comp.formula
A RNA linking ADENOSINE-5'-MONOPHOSPHATE 'C10 H14 N5 O7 P'
ANG non-polymer 8-AMINOGUANINE 'C5 H6 N6 O'
C RNA linking CYTIDINE-5'-MONOPHOSPHATE 'C9 H14 N3 O8 P'
G RNA linking GUANOSINE-5'-MONOPHOSPHATE 'C10 H14 N5 O8 P'
MG non-polymer 'MAGNESIUM ION' 'Mg 2'
U RNA linking URIDINE-5'-MONOPHOSPHATE 'C9 H13 N2 O9 P'
#
# COMPACT_ATOMS: atom_id res chain seq x y z
N9 ANG B . 4.61 -13.22 -3.21
C4 ANG B . 5.38 -12.17 -2.95
N3 ANG B . 6.12 -11.23 -3.84
C2 ANG B . 6.90 -10.14 -3.28
N2 ANG B . 7.62 -9.23 -4.16
N1 ANG B . 6.97 -9.96 -1.85
C6 ANG B . 6.24 -10.86 -0.99
O6 ANG B . 6.29 -10.72 0.18
C5 ANG B . 5.43 -12.01 -1.59
N7 ANG B . 4.69 -12.96 -1.04
C8 ANG B . 4.18 -13.72 -2.03
N8 ANG B . 3.33 -14.84 -1.70
N9 ANG C . -6.21 11.41 3.11
C4 ANG C . -5.80 10.81 2.00
N3 ANG C . -6.52 10.01 0.97
C2 ANG C . -5.79 9.47 -0.18
N2 ANG C . -6.49 8.69 -1.18
N1 ANG C . -4.38 9.73 -0.32
C6 ANG C . -3.70 10.50 0.67
O6 ANG C . -2.54 10.71 0.55
C5 ANG C . -4.47 11.06 1.87
N7 ANG C . -4.08 11.79 2.91
C8 ANG C . -5.16 12.01 3.69
N8 ANG C . -5.01 12.79 4.91
MG MG D . -7.62 12.10 7.45
#